data_1XDN
#
_entry.id   1XDN
#
_cell.length_a   44.911
_cell.length_b   58.579
_cell.length_c   52.984
_cell.angle_alpha   90.00
_cell.angle_beta   100.23
_cell.angle_gamma   90.00
#
_symmetry.space_group_name_H-M   'P 1 21 1'
#
loop_
_entity.id
_entity.type
_entity.pdbx_description
1 polymer 'RNA editing ligase MP52'
2 non-polymer 'MAGNESIUM ION'
3 non-polymer "ADENOSINE-5'-TRIPHOSPHATE"
4 water water
#
_entity_poly.entity_id   1
_entity_poly.type   'polypeptide(L)'
_entity_poly.pdbx_seq_one_letter_code
;GHMDQSDFSPYIEIDLPSESRIQSLHKSGLAAQEWVACEKVHGTNFGIYLINQGDHEVVRFAKRSGI(MSE)DPNENFFG
YHILIDEFTAQIRILNDLLKQKYGLSRVGRLVLNGELFGAKYKHPLVPKSEKWCTLPNGKKFPIAGVQIQREPFPQYSPE
LHFFAFDIKYSVSGAEEDFVLLGYDEFVEFSSKVPNLLYARALVRGTLDECLAFDVENF(MSE)TPLPALLGLGNYPLEG
NLAEGVVIRHVRRGDPAVEKHNVSTIIKLRCSSF(MSE)ELKHPGKQKE
;
_entity_poly.pdbx_strand_id   A
#
# COMPACT_ATOMS: atom_id res chain seq x y z
N GLN A 5 18.73 6.26 -9.59
CA GLN A 5 17.28 6.18 -9.37
C GLN A 5 16.50 5.75 -10.60
N SER A 6 17.16 5.31 -11.66
CA SER A 6 16.45 4.95 -12.88
C SER A 6 15.41 3.85 -12.70
N ASP A 7 15.58 3.00 -11.69
CA ASP A 7 14.60 1.96 -11.41
C ASP A 7 13.45 2.43 -10.52
N PHE A 8 13.55 3.61 -9.93
CA PHE A 8 12.52 4.15 -9.06
C PHE A 8 11.34 4.70 -9.83
N SER A 9 10.13 4.40 -9.35
CA SER A 9 8.90 4.92 -9.92
C SER A 9 8.10 5.60 -8.80
N PRO A 10 8.00 6.93 -8.82
CA PRO A 10 7.24 7.62 -7.77
C PRO A 10 5.82 7.13 -7.70
N TYR A 11 5.31 7.02 -6.47
CA TYR A 11 3.91 6.71 -6.27
C TYR A 11 3.23 8.05 -6.33
N ILE A 12 1.96 8.08 -6.05
CA ILE A 12 1.17 9.27 -6.24
C ILE A 12 0.65 9.87 -4.96
N GLU A 13 0.30 11.13 -5.08
CA GLU A 13 -0.63 11.74 -4.14
C GLU A 13 -2.06 11.56 -4.65
N ILE A 14 -3.00 11.66 -3.74
CA ILE A 14 -4.38 11.37 -4.03
C ILE A 14 -5.21 12.54 -3.57
N ASP A 15 -6.12 12.99 -4.42
CA ASP A 15 -6.93 14.15 -4.12
C ASP A 15 -8.26 13.84 -3.45
N LEU A 16 -8.73 14.78 -2.62
CA LEU A 16 -10.12 14.86 -2.24
C LEU A 16 -10.94 15.07 -3.51
N PRO A 17 -12.19 14.63 -3.55
CA PRO A 17 -12.99 14.78 -4.76
C PRO A 17 -13.35 16.23 -5.06
N SER A 18 -12.94 16.69 -6.24
CA SER A 18 -13.24 18.05 -6.69
C SER A 18 -14.51 18.08 -7.53
N GLU A 19 -15.08 19.28 -7.69
CA GLU A 19 -16.25 19.42 -8.55
C GLU A 19 -15.96 18.94 -9.97
N SER A 20 -14.82 19.35 -10.52
CA SER A 20 -14.52 19.00 -11.91
C SER A 20 -14.26 17.51 -12.07
N ARG A 21 -13.62 16.90 -11.08
CA ARG A 21 -13.34 15.47 -11.15
C ARG A 21 -14.66 14.69 -11.13
N ILE A 22 -15.55 15.01 -10.21
CA ILE A 22 -16.80 14.28 -10.10
C ILE A 22 -17.63 14.47 -11.37
N GLN A 23 -17.70 15.68 -11.89
CA GLN A 23 -18.46 15.92 -13.12
C GLN A 23 -17.89 15.08 -14.27
N SER A 24 -16.58 15.03 -14.38
CA SER A 24 -15.93 14.27 -15.44
C SER A 24 -16.13 12.77 -15.28
N LEU A 25 -16.09 12.27 -14.05
CA LEU A 25 -16.32 10.86 -13.81
C LEU A 25 -17.73 10.45 -14.20
N HIS A 26 -18.70 11.31 -13.95
CA HIS A 26 -20.05 11.02 -14.42
C HIS A 26 -20.18 11.10 -15.94
N LYS A 27 -19.67 12.17 -16.53
CA LYS A 27 -19.85 12.39 -17.97
C LYS A 27 -19.19 11.31 -18.80
N SER A 28 -18.04 10.83 -18.35
CA SER A 28 -17.29 9.79 -19.05
C SER A 28 -17.94 8.42 -18.95
N GLY A 29 -18.90 8.24 -18.05
CA GLY A 29 -19.46 6.94 -17.79
C GLY A 29 -18.74 6.16 -16.70
N LEU A 30 -17.59 6.65 -16.24
CA LEU A 30 -16.80 5.89 -15.28
C LEU A 30 -17.49 5.76 -13.93
N ALA A 31 -18.25 6.77 -13.50
CA ALA A 31 -18.87 6.76 -12.18
C ALA A 31 -19.86 5.60 -12.03
N ALA A 32 -20.50 5.21 -13.13
CA ALA A 32 -21.51 4.15 -13.11
C ALA A 32 -20.91 2.75 -13.10
N GLN A 33 -19.60 2.65 -13.30
CA GLN A 33 -18.89 1.37 -13.31
C GLN A 33 -18.53 0.98 -11.87
N GLU A 34 -17.63 0.02 -11.71
CA GLU A 34 -17.35 -0.55 -10.39
C GLU A 34 -16.13 0.10 -9.74
N TRP A 35 -16.32 0.44 -8.48
CA TRP A 35 -15.32 1.09 -7.63
C TRP A 35 -15.27 0.35 -6.31
N VAL A 36 -14.15 0.51 -5.61
CA VAL A 36 -14.00 0.05 -4.24
C VAL A 36 -13.50 1.18 -3.37
N ALA A 37 -13.84 1.11 -2.08
CA ALA A 37 -13.19 1.88 -1.04
C ALA A 37 -12.38 0.94 -0.17
N CYS A 38 -11.11 1.26 0.04
CA CYS A 38 -10.24 0.50 0.94
C CYS A 38 -9.67 1.44 1.97
N GLU A 39 -9.13 0.89 3.05
CA GLU A 39 -8.60 1.71 4.13
C GLU A 39 -7.39 2.51 3.66
N LYS A 40 -7.37 3.78 4.05
CA LYS A 40 -6.19 4.62 3.89
C LYS A 40 -5.38 4.52 5.19
N VAL A 41 -4.18 3.95 5.08
CA VAL A 41 -3.33 3.69 6.23
C VAL A 41 -2.34 4.83 6.42
N HIS A 42 -2.23 5.29 7.67
CA HIS A 42 -1.35 6.39 8.04
C HIS A 42 0.01 5.88 8.50
N GLY A 43 0.88 5.66 7.54
CA GLY A 43 2.26 5.27 7.78
C GLY A 43 3.15 6.13 6.92
N THR A 44 4.06 5.49 6.20
CA THR A 44 4.90 6.19 5.25
C THR A 44 4.97 5.37 3.96
N ASN A 45 5.06 6.06 2.84
CA ASN A 45 5.03 5.41 1.55
C ASN A 45 6.24 4.50 1.37
N PHE A 46 6.02 3.32 0.82
CA PHE A 46 7.08 2.35 0.70
C PHE A 46 6.91 1.56 -0.59
N GLY A 47 8.00 1.19 -1.20
CA GLY A 47 7.94 0.36 -2.39
C GLY A 47 8.96 -0.76 -2.31
N ILE A 48 8.53 -1.93 -2.73
CA ILE A 48 9.40 -3.10 -2.85
C ILE A 48 9.55 -3.39 -4.33
N TYR A 49 10.79 -3.40 -4.79
CA TYR A 49 11.14 -3.54 -6.18
C TYR A 49 11.88 -4.85 -6.44
N LEU A 50 11.53 -5.52 -7.53
CA LEU A 50 12.35 -6.60 -8.06
C LEU A 50 12.71 -6.19 -9.49
N ILE A 51 14.01 -6.06 -9.76
CA ILE A 51 14.52 -5.53 -11.02
C ILE A 51 15.32 -6.61 -11.74
N ASN A 52 14.88 -6.97 -12.94
CA ASN A 52 15.57 -7.91 -13.81
C ASN A 52 16.72 -7.24 -14.54
N GLN A 53 17.85 -7.91 -14.49
CA GLN A 53 19.05 -7.50 -15.18
C GLN A 53 19.58 -8.69 -15.97
N GLY A 54 18.74 -9.18 -16.90
CA GLY A 54 19.12 -10.32 -17.74
C GLY A 54 18.95 -11.64 -17.01
N ASP A 55 20.05 -12.36 -16.79
CA ASP A 55 19.99 -13.66 -16.09
C ASP A 55 20.13 -13.50 -14.58
N HIS A 56 20.18 -12.25 -14.11
CA HIS A 56 20.16 -11.96 -12.69
C HIS A 56 19.13 -10.87 -12.38
N GLU A 57 18.94 -10.61 -11.10
CA GLU A 57 17.95 -9.64 -10.63
C GLU A 57 18.31 -9.12 -9.25
N VAL A 58 17.66 -8.05 -8.84
CA VAL A 58 17.96 -7.39 -7.58
C VAL A 58 16.69 -6.92 -6.89
N VAL A 59 16.70 -6.98 -5.57
CA VAL A 59 15.60 -6.47 -4.75
C VAL A 59 16.03 -5.11 -4.17
N ARG A 60 15.17 -4.11 -4.30
CA ARG A 60 15.45 -2.77 -3.79
C ARG A 60 14.23 -2.25 -3.05
N PHE A 61 14.47 -1.27 -2.19
CA PHE A 61 13.42 -0.70 -1.34
C PHE A 61 13.42 0.81 -1.49
N ALA A 62 12.22 1.38 -1.56
CA ALA A 62 12.06 2.81 -1.76
C ALA A 62 11.19 3.42 -0.70
N LYS A 63 11.53 4.65 -0.35
CA LYS A 63 10.67 5.56 0.41
C LYS A 63 10.00 6.51 -0.59
N ARG A 64 9.31 7.53 -0.10
CA ARG A 64 8.59 8.45 -0.96
C ARG A 64 9.45 9.04 -2.06
N SER A 65 10.67 9.41 -1.68
CA SER A 65 11.55 10.17 -2.55
C SER A 65 12.59 9.40 -3.31
N GLY A 66 12.63 8.07 -3.19
CA GLY A 66 13.55 7.30 -4.02
C GLY A 66 13.91 5.99 -3.41
N ILE A 67 14.60 5.18 -4.21
CA ILE A 67 15.22 3.95 -3.74
C ILE A 67 16.35 4.30 -2.77
N ASP A 69 19.72 3.62 -0.26
CA ASP A 69 20.93 2.90 0.03
C ASP A 69 20.63 1.85 1.08
N PRO A 70 21.19 0.64 0.96
CA PRO A 70 20.88 -0.42 1.94
C PRO A 70 21.25 -0.11 3.39
N ASN A 71 22.13 0.87 3.65
CA ASN A 71 22.47 1.25 5.01
C ASN A 71 21.79 2.51 5.51
N GLU A 72 20.77 2.97 4.79
CA GLU A 72 19.93 4.03 5.34
C GLU A 72 18.94 3.44 6.34
N ASN A 73 19.04 3.87 7.59
CA ASN A 73 18.06 3.52 8.62
C ASN A 73 16.77 4.26 8.31
N PHE A 74 15.69 3.52 8.10
CA PHE A 74 14.39 4.09 7.76
C PHE A 74 13.31 3.33 8.51
N PHE A 75 13.01 3.84 9.70
CA PHE A 75 11.93 3.34 10.54
C PHE A 75 12.05 1.84 10.83
N GLY A 76 13.27 1.33 10.87
CA GLY A 76 13.50 -0.06 11.23
C GLY A 76 13.08 -1.09 10.21
N TYR A 77 12.87 -0.69 8.95
CA TYR A 77 12.25 -1.59 7.98
C TYR A 77 13.12 -2.80 7.70
N HIS A 78 14.42 -2.72 8.01
CA HIS A 78 15.28 -3.85 7.82
C HIS A 78 14.76 -5.10 8.53
N ILE A 79 13.99 -4.95 9.62
CA ILE A 79 13.40 -6.09 10.33
C ILE A 79 12.48 -6.93 9.41
N LEU A 80 11.96 -6.31 8.35
CA LEU A 80 11.04 -6.97 7.43
C LEU A 80 11.68 -7.39 6.11
N ILE A 81 12.97 -7.12 5.88
CA ILE A 81 13.55 -7.40 4.58
C ILE A 81 13.51 -8.87 4.20
N ASP A 82 13.78 -9.77 5.14
CA ASP A 82 13.74 -11.18 4.77
C ASP A 82 12.34 -11.59 4.28
N GLU A 83 11.32 -11.12 4.98
CA GLU A 83 9.94 -11.37 4.60
C GLU A 83 9.64 -10.75 3.24
N PHE A 84 9.99 -9.48 3.05
CA PHE A 84 9.71 -8.80 1.81
C PHE A 84 10.39 -9.52 0.63
N THR A 85 11.60 -9.98 0.85
CA THR A 85 12.39 -10.61 -0.20
C THR A 85 11.74 -11.93 -0.61
N ALA A 86 11.33 -12.73 0.37
CA ALA A 86 10.62 -13.97 0.04
C ALA A 86 9.32 -13.67 -0.70
N GLN A 87 8.61 -12.64 -0.22
CA GLN A 87 7.32 -12.28 -0.82
C GLN A 87 7.44 -11.80 -2.26
N ILE A 88 8.38 -10.90 -2.53
CA ILE A 88 8.46 -10.33 -3.87
C ILE A 88 8.90 -11.38 -4.89
N ARG A 89 9.72 -12.33 -4.47
CA ARG A 89 10.10 -13.45 -5.35
C ARG A 89 8.91 -14.32 -5.70
N ILE A 90 8.07 -14.59 -4.70
CA ILE A 90 6.88 -15.37 -4.93
C ILE A 90 5.94 -14.63 -5.88
N LEU A 91 5.75 -13.33 -5.67
CA LEU A 91 4.86 -12.56 -6.51
C LEU A 91 5.35 -12.59 -7.96
N ASN A 92 6.64 -12.39 -8.15
CA ASN A 92 7.19 -12.39 -9.51
C ASN A 92 6.98 -13.72 -10.21
N ASP A 93 7.19 -14.80 -9.48
CA ASP A 93 7.00 -16.12 -10.07
C ASP A 93 5.55 -16.35 -10.47
N LEU A 94 4.62 -15.90 -9.62
CA LEU A 94 3.19 -16.02 -9.92
C LEU A 94 2.85 -15.27 -11.19
N LEU A 95 3.35 -14.04 -11.30
CA LEU A 95 3.04 -13.20 -12.43
C LEU A 95 3.61 -13.80 -13.71
N LYS A 96 4.87 -14.23 -13.67
CA LYS A 96 5.47 -14.83 -14.85
C LYS A 96 4.72 -16.05 -15.32
N GLN A 97 4.35 -16.91 -14.38
CA GLN A 97 3.62 -18.14 -14.73
C GLN A 97 2.25 -17.83 -15.31
N LYS A 98 1.50 -16.95 -14.65
CA LYS A 98 0.14 -16.69 -15.09
C LYS A 98 0.09 -15.95 -16.43
N TYR A 99 0.97 -14.97 -16.62
CA TYR A 99 0.95 -14.12 -17.80
C TYR A 99 1.89 -14.60 -18.90
N GLY A 100 2.55 -15.73 -18.71
CA GLY A 100 3.37 -16.31 -19.76
C GLY A 100 4.57 -15.45 -20.11
N LEU A 101 5.20 -14.90 -19.09
CA LEU A 101 6.34 -13.99 -19.25
C LEU A 101 7.64 -14.71 -18.91
N SER A 102 8.64 -14.62 -19.78
CA SER A 102 9.94 -15.22 -19.47
C SER A 102 10.73 -14.35 -18.50
N ARG A 103 10.46 -13.05 -18.54
CA ARG A 103 11.19 -12.04 -17.79
C ARG A 103 10.28 -10.87 -17.47
N VAL A 104 10.48 -10.29 -16.29
CA VAL A 104 9.77 -9.07 -15.90
C VAL A 104 10.86 -8.06 -15.59
N GLY A 105 11.01 -7.04 -16.42
CA GLY A 105 12.05 -6.05 -16.23
C GLY A 105 12.00 -5.37 -14.86
N ARG A 106 10.81 -4.97 -14.43
CA ARG A 106 10.62 -4.32 -13.14
C ARG A 106 9.27 -4.67 -12.58
N LEU A 107 9.26 -5.16 -11.35
CA LEU A 107 8.04 -5.42 -10.59
C LEU A 107 8.06 -4.47 -9.41
N VAL A 108 6.95 -3.76 -9.20
CA VAL A 108 6.86 -2.77 -8.12
C VAL A 108 5.62 -3.06 -7.28
N LEU A 109 5.85 -3.40 -6.02
CA LEU A 109 4.82 -3.62 -5.02
C LEU A 109 4.81 -2.41 -4.09
N ASN A 110 3.84 -1.54 -4.27
CA ASN A 110 3.74 -0.33 -3.46
C ASN A 110 2.78 -0.54 -2.30
N GLY A 111 3.12 0.06 -1.17
CA GLY A 111 2.29 0.01 0.00
C GLY A 111 2.73 0.99 1.05
N GLU A 112 2.17 0.84 2.23
CA GLU A 112 2.41 1.72 3.34
C GLU A 112 3.18 0.94 4.42
N LEU A 113 4.32 1.47 4.85
CA LEU A 113 5.02 0.96 6.01
C LEU A 113 4.38 1.62 7.21
N PHE A 114 3.95 0.84 8.19
CA PHE A 114 3.14 1.38 9.27
C PHE A 114 3.36 0.62 10.57
N GLY A 115 2.85 1.20 11.63
CA GLY A 115 2.87 0.57 12.93
C GLY A 115 3.93 1.09 13.86
N ALA A 116 4.41 0.21 14.72
CA ALA A 116 5.38 0.50 15.78
C ALA A 116 4.87 1.57 16.73
N LYS A 117 3.56 1.57 16.99
CA LYS A 117 2.96 2.42 18.01
C LYS A 117 1.60 1.86 18.38
N TYR A 118 1.41 1.57 19.67
CA TYR A 118 0.09 1.13 20.15
C TYR A 118 0.05 1.34 21.65
N LYS A 119 -0.50 2.46 22.08
CA LYS A 119 -0.36 2.90 23.46
C LYS A 119 -1.44 2.34 24.36
N HIS A 120 -1.38 1.03 24.57
CA HIS A 120 -2.26 0.34 25.51
C HIS A 120 -1.39 -0.39 26.50
N PRO A 121 -1.68 -0.27 27.80
CA PRO A 121 -0.80 -0.85 28.82
C PRO A 121 -0.66 -2.38 28.77
N LEU A 122 -1.59 -3.07 28.12
CA LEU A 122 -1.48 -4.52 28.00
C LEU A 122 -0.77 -4.97 26.72
N VAL A 123 -0.27 -4.01 25.94
CA VAL A 123 0.39 -4.28 24.68
C VAL A 123 1.82 -3.75 24.81
N PRO A 124 2.76 -4.60 25.18
CA PRO A 124 4.15 -4.15 25.28
C PRO A 124 4.68 -3.56 23.99
N LYS A 125 5.55 -2.59 24.12
CA LYS A 125 6.29 -2.13 22.97
C LYS A 125 7.12 -3.28 22.40
N SER A 126 7.48 -3.16 21.12
CA SER A 126 8.26 -4.19 20.47
C SER A 126 9.58 -4.40 21.19
N GLU A 127 9.97 -5.66 21.30
CA GLU A 127 11.28 -6.05 21.79
C GLU A 127 12.27 -6.30 20.66
N LYS A 128 11.85 -6.10 19.41
CA LYS A 128 12.68 -6.44 18.27
C LYS A 128 13.68 -5.34 17.94
N TRP A 129 14.79 -5.74 17.34
CA TRP A 129 15.83 -4.84 16.89
C TRP A 129 16.16 -5.22 15.47
N CYS A 130 16.23 -4.25 14.57
CA CYS A 130 16.65 -4.53 13.20
C CYS A 130 18.16 -4.47 13.13
N THR A 131 18.70 -5.07 12.07
CA THR A 131 20.13 -5.05 11.79
C THR A 131 20.35 -4.61 10.35
N LEU A 132 21.18 -3.60 10.17
CA LEU A 132 21.52 -3.12 8.84
C LEU A 132 22.66 -3.96 8.26
N PRO A 133 22.89 -3.90 6.95
CA PRO A 133 24.04 -4.61 6.37
C PRO A 133 25.38 -4.29 7.01
N ASN A 134 25.55 -3.07 7.52
CA ASN A 134 26.79 -2.67 8.18
C ASN A 134 26.85 -3.10 9.67
N GLY A 135 25.84 -3.79 10.17
CA GLY A 135 25.86 -4.36 11.51
C GLY A 135 25.18 -3.50 12.56
N LYS A 136 24.92 -2.24 12.23
CA LYS A 136 24.22 -1.38 13.16
C LYS A 136 22.82 -1.90 13.42
N LYS A 137 22.38 -1.77 14.65
CA LYS A 137 21.06 -2.22 15.09
C LYS A 137 20.29 -1.08 15.69
N PHE A 138 18.97 -1.11 15.48
CA PHE A 138 18.07 -0.11 16.04
C PHE A 138 16.84 -0.79 16.59
N PRO A 139 16.34 -0.28 17.71
CA PRO A 139 15.17 -0.89 18.33
C PRO A 139 13.88 -0.47 17.66
N ILE A 140 13.01 -1.42 17.40
CA ILE A 140 11.70 -1.09 16.88
C ILE A 140 10.91 -0.24 17.90
N ALA A 141 11.21 -0.42 19.20
CA ALA A 141 10.60 0.41 20.24
C ALA A 141 10.95 1.89 20.09
N GLY A 142 12.00 2.23 19.35
CA GLY A 142 12.38 3.61 19.12
C GLY A 142 11.80 4.22 17.85
N VAL A 143 11.07 3.43 17.06
CA VAL A 143 10.53 3.89 15.78
C VAL A 143 9.23 4.67 15.98
N GLN A 144 9.17 5.89 15.43
CA GLN A 144 7.97 6.71 15.46
C GLN A 144 7.66 7.22 14.06
N ILE A 145 6.86 6.48 13.33
CA ILE A 145 6.53 6.86 11.96
C ILE A 145 5.63 8.09 11.95
N GLN A 146 4.67 8.12 12.86
CA GLN A 146 3.69 9.19 12.99
C GLN A 146 3.45 9.56 14.44
N ARG A 147 3.17 10.84 14.68
CA ARG A 147 2.96 11.37 16.02
C ARG A 147 1.50 11.42 16.44
N GLU A 148 0.59 11.24 15.49
CA GLU A 148 -0.84 11.44 15.75
C GLU A 148 -1.37 10.39 16.74
N PRO A 149 -2.31 10.76 17.61
CA PRO A 149 -2.88 9.81 18.57
C PRO A 149 -3.78 8.75 17.95
N PHE A 150 -4.24 8.99 16.72
CA PHE A 150 -4.94 7.96 15.96
C PHE A 150 -4.73 8.25 14.50
N PRO A 151 -4.80 7.24 13.64
CA PRO A 151 -4.92 5.83 14.00
C PRO A 151 -3.64 5.24 14.59
N GLN A 152 -3.79 4.25 15.46
CA GLN A 152 -2.70 3.41 15.94
C GLN A 152 -3.04 1.98 15.59
N TYR A 153 -2.02 1.24 15.14
CA TYR A 153 -2.24 -0.05 14.51
C TYR A 153 -1.68 -1.26 15.26
N SER A 154 -0.44 -1.17 15.75
CA SER A 154 0.28 -2.34 16.23
C SER A 154 1.58 -1.88 16.86
N PRO A 155 2.09 -2.61 17.84
CA PRO A 155 3.44 -2.30 18.36
C PRO A 155 4.56 -2.75 17.42
N GLU A 156 4.25 -3.60 16.44
CA GLU A 156 5.24 -4.08 15.50
C GLU A 156 5.12 -3.30 14.19
N LEU A 157 6.15 -3.42 13.36
CA LEU A 157 6.18 -2.83 12.03
C LEU A 157 5.49 -3.75 11.04
N HIS A 158 4.77 -3.16 10.11
CA HIS A 158 4.05 -3.90 9.08
C HIS A 158 4.06 -3.17 7.76
N PHE A 159 3.63 -3.88 6.73
CA PHE A 159 3.51 -3.34 5.37
C PHE A 159 2.13 -3.63 4.84
N PHE A 160 1.44 -2.58 4.39
CA PHE A 160 0.09 -2.69 3.85
C PHE A 160 0.16 -2.47 2.35
N ALA A 161 0.06 -3.54 1.57
CA ALA A 161 0.16 -3.42 0.12
C ALA A 161 -1.06 -2.73 -0.45
N PHE A 162 -0.87 -1.86 -1.43
CA PHE A 162 -2.00 -1.21 -2.09
C PHE A 162 -1.87 -1.09 -3.61
N ASP A 163 -0.79 -1.54 -4.24
CA ASP A 163 -0.73 -1.55 -5.69
C ASP A 163 0.38 -2.47 -6.14
N ILE A 164 0.15 -3.11 -7.28
CA ILE A 164 1.15 -3.93 -7.96
C ILE A 164 1.19 -3.52 -9.42
N LYS A 165 2.36 -3.20 -9.94
CA LYS A 165 2.53 -3.01 -11.36
C LYS A 165 3.79 -3.70 -11.83
N TYR A 166 3.81 -4.06 -13.11
CA TYR A 166 4.96 -4.72 -13.70
C TYR A 166 5.23 -4.17 -15.10
N SER A 167 6.50 -4.05 -15.44
CA SER A 167 6.92 -3.64 -16.77
C SER A 167 7.78 -4.74 -17.34
N VAL A 168 7.29 -5.37 -18.40
CA VAL A 168 8.00 -6.49 -19.01
C VAL A 168 9.36 -6.02 -19.54
N SER A 169 9.39 -4.94 -20.30
CA SER A 169 10.63 -4.39 -20.84
C SER A 169 11.48 -3.75 -19.72
N GLY A 170 10.82 -3.29 -18.66
CA GLY A 170 11.45 -2.52 -17.61
C GLY A 170 11.23 -1.03 -17.77
N ALA A 171 10.84 -0.59 -18.96
CA ALA A 171 10.62 0.83 -19.21
C ALA A 171 9.39 1.35 -18.47
N GLU A 172 9.49 2.59 -18.00
CA GLU A 172 8.42 3.23 -17.25
C GLU A 172 7.09 3.25 -18.03
N GLU A 173 7.18 3.53 -19.31
CA GLU A 173 5.99 3.66 -20.14
C GLU A 173 5.27 2.33 -20.38
N ASP A 174 5.94 1.22 -20.11
CA ASP A 174 5.36 -0.11 -20.28
C ASP A 174 4.78 -0.73 -19.02
N PHE A 175 4.72 0.02 -17.92
CA PHE A 175 4.11 -0.53 -16.73
C PHE A 175 2.66 -0.92 -16.99
N VAL A 176 2.28 -2.07 -16.45
CA VAL A 176 0.91 -2.56 -16.44
C VAL A 176 0.50 -2.65 -14.97
N LEU A 177 -0.56 -1.95 -14.61
CA LEU A 177 -1.08 -1.95 -13.26
C LEU A 177 -2.14 -3.03 -13.09
N LEU A 178 -2.05 -3.84 -12.04
CA LEU A 178 -3.11 -4.79 -11.76
C LEU A 178 -4.38 -4.07 -11.37
N GLY A 179 -5.50 -4.51 -11.92
CA GLY A 179 -6.80 -4.10 -11.45
C GLY A 179 -7.06 -4.63 -10.05
N TYR A 180 -8.12 -4.14 -9.41
CA TYR A 180 -8.41 -4.52 -8.03
C TYR A 180 -8.53 -6.03 -7.85
N ASP A 181 -9.34 -6.68 -8.67
CA ASP A 181 -9.56 -8.10 -8.47
C ASP A 181 -8.27 -8.90 -8.67
N GLU A 182 -7.47 -8.53 -9.66
CA GLU A 182 -6.19 -9.21 -9.87
C GLU A 182 -5.21 -8.92 -8.73
N PHE A 183 -5.20 -7.68 -8.26
CA PHE A 183 -4.37 -7.29 -7.13
C PHE A 183 -4.68 -8.17 -5.92
N VAL A 184 -5.96 -8.35 -5.62
CA VAL A 184 -6.34 -9.20 -4.49
C VAL A 184 -5.99 -10.65 -4.74
N GLU A 185 -6.22 -11.14 -5.94
CA GLU A 185 -5.92 -12.54 -6.26
C GLU A 185 -4.45 -12.84 -6.05
N PHE A 186 -3.59 -12.03 -6.64
CA PHE A 186 -2.16 -12.24 -6.46
C PHE A 186 -1.72 -12.02 -5.01
N SER A 187 -2.17 -10.93 -4.39
CA SER A 187 -1.73 -10.62 -3.04
C SER A 187 -2.12 -11.72 -2.06
N SER A 188 -3.28 -12.31 -2.27
CA SER A 188 -3.77 -13.36 -1.40
C SER A 188 -2.93 -14.62 -1.49
N LYS A 189 -2.14 -14.76 -2.55
CA LYS A 189 -1.26 -15.91 -2.74
C LYS A 189 0.17 -15.64 -2.29
N VAL A 190 0.46 -14.43 -1.83
CA VAL A 190 1.79 -14.08 -1.36
C VAL A 190 1.75 -14.26 0.16
N PRO A 191 2.54 -15.19 0.72
CA PRO A 191 2.33 -15.58 2.11
C PRO A 191 2.59 -14.44 3.09
N ASN A 192 1.61 -14.21 3.94
CA ASN A 192 1.65 -13.20 4.98
C ASN A 192 1.69 -11.77 4.46
N LEU A 193 1.27 -11.55 3.23
CA LEU A 193 1.17 -10.19 2.73
C LEU A 193 -0.17 -9.59 3.17
N LEU A 194 -0.11 -8.50 3.91
CA LEU A 194 -1.28 -7.70 4.20
C LEU A 194 -1.57 -6.77 3.04
N TYR A 195 -2.84 -6.64 2.67
CA TYR A 195 -3.18 -5.88 1.49
C TYR A 195 -4.53 -5.20 1.64
N ALA A 196 -4.71 -4.15 0.87
CA ALA A 196 -5.93 -3.36 0.85
C ALA A 196 -7.09 -4.19 0.33
N ARG A 197 -8.12 -4.29 1.14
CA ARG A 197 -9.32 -5.05 0.78
C ARG A 197 -10.53 -4.14 0.83
N ALA A 198 -11.43 -4.36 -0.10
CA ALA A 198 -12.60 -3.50 -0.23
C ALA A 198 -13.49 -3.53 1.02
N LEU A 199 -13.80 -2.35 1.51
CA LEU A 199 -14.75 -2.11 2.59
C LEU A 199 -16.16 -1.98 2.04
N VAL A 200 -16.25 -1.50 0.81
CA VAL A 200 -17.49 -1.39 0.06
C VAL A 200 -17.10 -1.47 -1.42
N ARG A 201 -18.01 -1.97 -2.23
CA ARG A 201 -17.82 -2.09 -3.66
C ARG A 201 -19.12 -1.72 -4.32
N GLY A 202 -19.07 -0.94 -5.37
CA GLY A 202 -20.28 -0.52 -6.07
C GLY A 202 -19.98 0.61 -7.03
N THR A 203 -20.98 1.43 -7.32
CA THR A 203 -20.75 2.62 -8.10
C THR A 203 -19.88 3.60 -7.31
N LEU A 204 -19.38 4.59 -8.01
CA LEU A 204 -18.63 5.64 -7.35
C LEU A 204 -19.44 6.24 -6.19
N ASP A 205 -20.72 6.54 -6.44
CA ASP A 205 -21.54 7.14 -5.40
C ASP A 205 -21.75 6.21 -4.20
N GLU A 206 -21.88 4.91 -4.45
CA GLU A 206 -22.03 3.96 -3.35
C GLU A 206 -20.77 3.96 -2.48
N CYS A 207 -19.59 4.03 -3.12
CA CYS A 207 -18.35 4.07 -2.35
C CYS A 207 -18.18 5.40 -1.60
N LEU A 208 -18.57 6.50 -2.24
CA LEU A 208 -18.51 7.83 -1.63
C LEU A 208 -19.42 7.97 -0.42
N ALA A 209 -20.41 7.11 -0.30
CA ALA A 209 -21.31 7.11 0.85
C ALA A 209 -20.75 6.39 2.06
N PHE A 210 -19.57 5.80 1.95
CA PHE A 210 -18.97 5.12 3.07
C PHE A 210 -18.82 6.07 4.26
N ASP A 211 -19.14 5.57 5.45
CA ASP A 211 -19.14 6.37 6.67
C ASP A 211 -17.73 6.50 7.25
N VAL A 212 -16.94 7.43 6.72
CA VAL A 212 -15.57 7.63 7.22
C VAL A 212 -15.51 8.24 8.59
N GLU A 213 -16.52 9.04 8.95
CA GLU A 213 -16.51 9.71 10.23
C GLU A 213 -16.49 8.76 11.40
N ASN A 214 -17.08 7.58 11.23
CA ASN A 214 -17.17 6.59 12.30
C ASN A 214 -16.38 5.31 12.03
N PHE A 215 -15.50 5.35 11.05
CA PHE A 215 -14.76 4.17 10.62
C PHE A 215 -13.56 3.97 11.53
N THR A 217 -10.33 1.91 12.66
CA THR A 217 -9.44 1.06 11.88
C THR A 217 -9.61 -0.39 12.31
N PRO A 218 -9.80 -1.30 11.34
CA PRO A 218 -9.90 -2.73 11.64
C PRO A 218 -8.56 -3.40 11.81
N LEU A 219 -7.45 -2.70 11.56
CA LEU A 219 -6.16 -3.34 11.58
C LEU A 219 -5.73 -3.84 12.95
N PRO A 220 -5.91 -3.11 14.04
CA PRO A 220 -5.53 -3.67 15.35
C PRO A 220 -6.11 -5.06 15.59
N ALA A 221 -7.39 -5.26 15.31
CA ALA A 221 -7.99 -6.56 15.55
C ALA A 221 -7.41 -7.62 14.62
N LEU A 222 -7.12 -7.25 13.38
CA LEU A 222 -6.50 -8.16 12.44
C LEU A 222 -5.09 -8.56 12.87
N LEU A 223 -4.43 -7.68 13.62
CA LEU A 223 -3.05 -7.86 14.06
C LEU A 223 -2.98 -8.29 15.53
N GLY A 224 -4.05 -8.90 16.03
CA GLY A 224 -4.01 -9.58 17.32
C GLY A 224 -4.44 -8.77 18.52
N LEU A 225 -4.95 -7.57 18.31
CA LEU A 225 -5.19 -6.63 19.39
C LEU A 225 -6.66 -6.37 19.64
N GLY A 226 -7.53 -7.28 19.24
CA GLY A 226 -8.95 -7.10 19.42
C GLY A 226 -9.39 -6.92 20.87
N ASN A 227 -8.66 -7.48 21.83
CA ASN A 227 -9.01 -7.33 23.22
C ASN A 227 -8.51 -6.05 23.87
N TYR A 228 -7.76 -5.23 23.12
CA TYR A 228 -7.06 -4.07 23.67
C TYR A 228 -7.41 -2.80 22.90
N PRO A 229 -8.68 -2.44 22.91
CA PRO A 229 -9.13 -1.29 22.11
C PRO A 229 -8.58 0.02 22.66
N LEU A 230 -8.38 0.96 21.74
CA LEU A 230 -8.04 2.34 22.09
C LEU A 230 -9.22 3.22 21.73
N GLU A 231 -9.67 4.01 22.69
CA GLU A 231 -10.80 4.90 22.47
C GLU A 231 -10.50 5.88 21.34
N GLY A 232 -11.46 6.07 20.46
CA GLY A 232 -11.36 7.04 19.40
C GLY A 232 -10.34 6.67 18.33
N ASN A 233 -10.01 5.39 18.19
CA ASN A 233 -9.02 4.94 17.23
C ASN A 233 -9.58 4.82 15.82
N LEU A 234 -9.95 5.96 15.27
CA LEU A 234 -10.48 6.08 13.92
C LEU A 234 -9.39 5.89 12.89
N ALA A 235 -9.75 5.22 11.80
CA ALA A 235 -8.93 5.17 10.62
C ALA A 235 -8.70 6.57 10.07
N GLU A 236 -7.60 6.73 9.34
CA GLU A 236 -7.36 7.99 8.66
C GLU A 236 -8.51 8.33 7.70
N GLY A 237 -8.91 7.32 6.93
CA GLY A 237 -9.95 7.47 5.94
C GLY A 237 -9.93 6.31 4.98
N VAL A 238 -10.36 6.59 3.76
CA VAL A 238 -10.39 5.60 2.70
C VAL A 238 -9.83 6.15 1.40
N VAL A 239 -9.36 5.23 0.56
CA VAL A 239 -9.03 5.51 -0.82
C VAL A 239 -10.07 4.80 -1.68
N ILE A 240 -10.65 5.53 -2.63
CA ILE A 240 -11.68 5.03 -3.52
C ILE A 240 -11.10 5.01 -4.91
N ARG A 241 -11.25 3.88 -5.60
CA ARG A 241 -10.66 3.71 -6.91
C ARG A 241 -11.52 2.82 -7.80
N HIS A 242 -11.44 3.05 -9.09
CA HIS A 242 -12.10 2.23 -10.09
C HIS A 242 -11.43 0.87 -10.09
N VAL A 243 -12.20 -0.21 -10.18
CA VAL A 243 -11.61 -1.53 -10.11
C VAL A 243 -10.72 -1.87 -11.30
N ARG A 244 -10.83 -1.12 -12.40
CA ARG A 244 -9.97 -1.30 -13.55
C ARG A 244 -9.10 -0.08 -13.79
N ARG A 245 -8.85 0.70 -12.75
CA ARG A 245 -7.85 1.76 -12.83
C ARG A 245 -6.57 1.23 -13.47
N GLY A 246 -6.04 1.96 -14.44
CA GLY A 246 -4.86 1.55 -15.16
C GLY A 246 -5.13 0.85 -16.48
N ASP A 247 -6.34 0.32 -16.67
CA ASP A 247 -6.68 -0.33 -17.93
C ASP A 247 -6.82 0.72 -19.01
N PRO A 248 -6.26 0.49 -20.21
CA PRO A 248 -6.37 1.49 -21.28
C PRO A 248 -7.79 1.97 -21.57
N ALA A 249 -8.80 1.12 -21.48
CA ALA A 249 -10.17 1.55 -21.76
C ALA A 249 -10.70 2.49 -20.67
N VAL A 250 -10.16 2.40 -19.45
CA VAL A 250 -10.47 3.38 -18.40
C VAL A 250 -9.64 4.64 -18.60
N GLU A 251 -8.36 4.46 -18.81
CA GLU A 251 -7.42 5.58 -18.90
C GLU A 251 -7.68 6.48 -20.09
N LYS A 252 -8.33 5.96 -21.14
CA LYS A 252 -8.55 6.74 -22.33
C LYS A 252 -9.39 7.98 -22.06
N HIS A 253 -10.19 7.97 -21.00
CA HIS A 253 -11.04 9.11 -20.68
C HIS A 253 -10.29 10.29 -20.09
N ASN A 254 -9.03 10.10 -19.72
CA ASN A 254 -8.20 11.17 -19.19
C ASN A 254 -8.79 11.80 -17.92
N VAL A 255 -9.34 10.95 -17.05
CA VAL A 255 -9.83 11.37 -15.75
C VAL A 255 -9.26 10.43 -14.69
N SER A 256 -8.62 11.00 -13.68
CA SER A 256 -8.03 10.17 -12.64
C SER A 256 -9.13 9.39 -11.90
N THR A 257 -8.86 8.11 -11.68
CA THR A 257 -9.85 7.23 -11.03
C THR A 257 -9.41 6.80 -9.64
N ILE A 258 -8.77 7.71 -8.92
CA ILE A 258 -8.46 7.48 -7.52
C ILE A 258 -8.69 8.76 -6.75
N ILE A 259 -9.36 8.63 -5.61
CA ILE A 259 -9.66 9.76 -4.74
C ILE A 259 -9.56 9.28 -3.29
N LYS A 260 -9.59 10.22 -2.36
CA LYS A 260 -9.58 9.88 -0.94
C LYS A 260 -10.68 10.64 -0.21
N LEU A 261 -11.07 10.07 0.93
CA LEU A 261 -11.89 10.75 1.93
C LEU A 261 -11.19 10.55 3.27
N ARG A 262 -11.13 11.59 4.08
CA ARG A 262 -10.56 11.50 5.42
C ARG A 262 -11.60 11.81 6.46
N CYS A 263 -11.45 11.22 7.63
CA CYS A 263 -12.36 11.61 8.70
C CYS A 263 -11.96 13.00 9.23
N SER A 264 -12.97 13.74 9.66
CA SER A 264 -12.77 15.08 10.16
C SER A 264 -11.89 15.08 11.40
N SER A 265 -12.03 14.07 12.23
CA SER A 265 -11.24 13.96 13.47
C SER A 265 -9.74 13.91 13.14
N PHE A 266 -9.38 13.17 12.09
CA PHE A 266 -8.00 13.08 11.65
C PHE A 266 -7.51 14.40 11.07
N GLU A 268 -8.44 17.31 11.76
CA GLU A 268 -8.31 18.30 12.83
C GLU A 268 -7.01 18.16 13.62
N LEU A 269 -6.38 16.99 13.56
CA LEU A 269 -5.07 16.78 14.22
C LEU A 269 -3.99 17.62 13.57
#